data_4U5P
#
_entry.id   4U5P
#
_cell.length_a   54.690
_cell.length_b   98.550
_cell.length_c   188.530
_cell.angle_alpha   90.000
_cell.angle_beta   90.000
_cell.angle_gamma   90.000
#
_symmetry.space_group_name_H-M   'C 2 2 21'
#
loop_
_entity.id
_entity.type
_entity.pdbx_description
1 polymer RhCC
2 non-polymer 2-[3-(2-HYDROXY-1,1-DIHYDROXYMETHYL-ETHYLAMINO)-PROPYLAMINO]-2-HYDROXYMETHYL-PROPANE-1,3-DIOL
3 non-polymer 'MAGNESIUM ION'
4 non-polymer GLYCEROL
5 water water
#
_entity_poly.entity_id   1
_entity_poly.type   'polypeptide(L)'
_entity_poly.pdbx_seq_one_letter_code
;PYWEIFTPENAFTPDDKEQLSEAITSIYVDYVNLPRFYVVVLFKDMPKETMYVGGKANNNFVRIRLDHIARQMETAEVRA
LMMTVAEEKLAPFIKERGYDWEIHIDETPMDLWRTQGLVPPPPESDMEKLWAKENRPIPYD
;
_entity_poly.pdbx_strand_id   A,B,C
#
# COMPACT_ATOMS: atom_id res chain seq x y z
N PRO A 1 -3.63 9.01 -9.96
CA PRO A 1 -3.61 8.96 -8.49
C PRO A 1 -4.37 7.75 -7.98
N TYR A 2 -3.83 7.14 -6.94
CA TYR A 2 -4.36 5.93 -6.34
C TYR A 2 -4.62 6.20 -4.88
N TRP A 3 -5.90 6.39 -4.51
CA TRP A 3 -6.31 6.75 -3.15
C TRP A 3 -6.94 5.57 -2.41
N GLU A 4 -6.46 5.29 -1.19
CA GLU A 4 -7.11 4.36 -0.29
C GLU A 4 -7.67 5.14 0.89
N ILE A 5 -8.95 4.96 1.18
CA ILE A 5 -9.59 5.64 2.30
C ILE A 5 -10.20 4.60 3.24
N PHE A 6 -9.56 4.44 4.40
CA PHE A 6 -10.00 3.50 5.43
C PHE A 6 -10.93 4.19 6.42
N THR A 7 -12.15 3.68 6.58
CA THR A 7 -13.16 4.32 7.42
C THR A 7 -13.83 3.38 8.42
N PRO A 8 -14.42 3.94 9.48
CA PRO A 8 -15.32 3.14 10.33
C PRO A 8 -16.45 2.56 9.50
N GLU A 9 -16.99 1.41 9.91
CA GLU A 9 -18.04 0.76 9.16
C GLU A 9 -19.24 1.67 8.95
N ASN A 10 -19.73 1.69 7.72
CA ASN A 10 -20.94 2.42 7.36
C ASN A 10 -20.84 3.93 7.60
N ALA A 11 -19.61 4.44 7.63
CA ALA A 11 -19.41 5.87 7.80
C ALA A 11 -20.01 6.64 6.64
N PHE A 12 -19.83 6.12 5.43
CA PHE A 12 -20.25 6.82 4.22
C PHE A 12 -21.29 6.06 3.42
N THR A 13 -22.32 6.77 2.99
CA THR A 13 -23.30 6.25 2.04
C THR A 13 -22.73 6.26 0.63
N PRO A 14 -23.36 5.54 -0.31
CA PRO A 14 -22.92 5.62 -1.70
C PRO A 14 -22.88 7.06 -2.23
N ASP A 15 -23.85 7.89 -1.83
CA ASP A 15 -23.88 9.28 -2.26
C ASP A 15 -22.70 10.06 -1.69
N ASP A 16 -22.37 9.80 -0.43
CA ASP A 16 -21.20 10.40 0.22
C ASP A 16 -19.94 10.07 -0.57
N LYS A 17 -19.78 8.79 -0.92
CA LYS A 17 -18.56 8.30 -1.57
C LYS A 17 -18.47 8.89 -2.97
N GLU A 18 -19.60 9.02 -3.63
CA GLU A 18 -19.63 9.62 -4.95
C GLU A 18 -19.17 11.08 -4.88
N GLN A 19 -19.72 11.83 -3.92
CA GLN A 19 -19.37 13.25 -3.79
C GLN A 19 -17.91 13.45 -3.41
N LEU A 20 -17.41 12.62 -2.51
CA LEU A 20 -16.03 12.75 -2.06
C LEU A 20 -15.06 12.38 -3.18
N SER A 21 -15.33 11.29 -3.90
CA SER A 21 -14.44 10.91 -5.00
C SER A 21 -14.49 11.94 -6.13
N GLU A 22 -15.65 12.58 -6.32
CA GLU A 22 -15.75 13.67 -7.30
C GLU A 22 -14.87 14.85 -6.87
N ALA A 23 -14.93 15.18 -5.58
CA ALA A 23 -14.10 16.26 -5.04
C ALA A 23 -12.61 15.95 -5.21
N ILE A 24 -12.21 14.73 -4.91
CA ILE A 24 -10.82 14.33 -5.05
C ILE A 24 -10.42 14.39 -6.53
N THR A 25 -11.28 13.88 -7.40
CA THR A 25 -11.01 13.89 -8.83
C THR A 25 -10.84 15.32 -9.35
N SER A 26 -11.62 16.25 -8.80
CA SER A 26 -11.58 17.64 -9.27
C SER A 26 -10.22 18.27 -8.99
N ILE A 27 -9.50 17.78 -7.99
CA ILE A 27 -8.15 18.26 -7.73
C ILE A 27 -7.28 18.15 -8.96
N TYR A 28 -7.29 16.99 -9.59
CA TYR A 28 -6.35 16.71 -10.67
C TYR A 28 -6.87 17.24 -11.99
N VAL A 29 -8.17 17.20 -12.17
CA VAL A 29 -8.78 17.73 -13.39
C VAL A 29 -8.56 19.24 -13.47
N ASP A 30 -8.90 19.93 -12.39
CA ASP A 30 -8.89 21.38 -12.39
C ASP A 30 -7.46 21.98 -12.36
N TYR A 31 -6.56 21.41 -11.57
CA TYR A 31 -5.25 22.02 -11.39
C TYR A 31 -4.20 21.59 -12.42
N VAL A 32 -4.31 20.38 -13.00
CA VAL A 32 -3.28 19.91 -13.94
C VAL A 32 -3.86 19.34 -15.26
N ASN A 33 -5.18 19.31 -15.37
N ASN A 33 -5.18 19.40 -15.42
CA ASN A 33 -5.86 18.81 -16.55
CA ASN A 33 -5.88 18.80 -16.56
C ASN A 33 -5.53 17.35 -16.82
C ASN A 33 -5.39 17.38 -16.81
N LEU A 34 -5.44 16.59 -15.74
CA LEU A 34 -5.24 15.16 -15.83
C LEU A 34 -6.53 14.52 -16.34
N PRO A 35 -6.43 13.44 -17.15
CA PRO A 35 -7.62 12.66 -17.48
C PRO A 35 -8.36 12.17 -16.23
N ARG A 36 -9.69 12.35 -16.19
CA ARG A 36 -10.48 12.00 -15.01
CA ARG A 36 -10.48 12.00 -15.01
C ARG A 36 -10.28 10.56 -14.60
N PHE A 37 -10.27 9.66 -15.58
CA PHE A 37 -10.26 8.24 -15.27
C PHE A 37 -8.91 7.79 -14.67
N TYR A 38 -7.90 8.66 -14.65
CA TYR A 38 -6.66 8.33 -13.95
C TYR A 38 -6.88 8.24 -12.44
N VAL A 39 -7.91 8.94 -11.96
CA VAL A 39 -8.12 9.07 -10.51
C VAL A 39 -8.97 7.94 -9.96
N VAL A 40 -8.34 7.07 -9.15
CA VAL A 40 -8.99 5.93 -8.54
C VAL A 40 -9.05 6.10 -7.02
N VAL A 41 -10.24 5.93 -6.45
CA VAL A 41 -10.44 6.02 -5.01
C VAL A 41 -11.11 4.74 -4.52
N LEU A 42 -10.44 4.07 -3.59
CA LEU A 42 -10.92 2.83 -2.98
C LEU A 42 -11.33 3.07 -1.53
N PHE A 43 -12.59 2.83 -1.24
CA PHE A 43 -13.14 2.94 0.12
C PHE A 43 -13.12 1.59 0.82
N LYS A 44 -12.53 1.55 2.01
CA LYS A 44 -12.42 0.30 2.75
C LYS A 44 -12.98 0.42 4.17
N ASP A 45 -14.13 -0.21 4.39
CA ASP A 45 -14.78 -0.17 5.70
C ASP A 45 -13.99 -1.02 6.70
N MET A 46 -13.74 -0.45 7.87
CA MET A 46 -12.99 -1.12 8.92
C MET A 46 -13.88 -1.29 10.15
N PRO A 47 -14.20 -2.54 10.52
CA PRO A 47 -15.04 -2.72 11.71
C PRO A 47 -14.37 -2.25 12.99
N LYS A 48 -15.15 -2.14 14.06
CA LYS A 48 -14.61 -1.76 15.36
C LYS A 48 -13.48 -2.69 15.75
N GLU A 49 -12.51 -2.16 16.49
CA GLU A 49 -11.38 -2.92 16.99
C GLU A 49 -10.48 -3.46 15.87
N THR A 50 -10.28 -2.71 14.80
CA THR A 50 -9.32 -3.10 13.76
C THR A 50 -8.31 -1.99 13.44
N MET A 51 -8.60 -0.75 13.85
CA MET A 51 -7.70 0.39 13.65
C MET A 51 -7.16 0.87 15.00
N TYR A 52 -5.85 0.75 15.20
CA TYR A 52 -5.20 1.05 16.47
C TYR A 52 -4.26 2.23 16.33
N VAL A 53 -4.48 3.23 17.16
CA VAL A 53 -3.67 4.43 17.17
C VAL A 53 -2.96 4.52 18.52
N GLY A 54 -1.64 4.48 18.51
CA GLY A 54 -0.86 4.52 19.75
C GLY A 54 -1.18 3.39 20.72
N GLY A 55 -1.56 2.24 20.19
CA GLY A 55 -1.79 1.07 21.00
C GLY A 55 -3.22 0.93 21.51
N LYS A 56 -4.12 1.80 21.06
CA LYS A 56 -5.53 1.73 21.46
C LYS A 56 -6.44 1.83 20.24
N ALA A 57 -7.49 1.02 20.24
CA ALA A 57 -8.45 1.08 19.14
C ALA A 57 -9.01 2.48 19.05
N ASN A 58 -9.04 3.01 17.82
CA ASN A 58 -9.74 4.26 17.55
C ASN A 58 -10.80 3.95 16.51
N ASN A 59 -12.04 3.86 16.97
CA ASN A 59 -13.16 3.49 16.11
C ASN A 59 -13.80 4.71 15.46
N ASN A 60 -13.16 5.87 15.60
CA ASN A 60 -13.64 7.15 15.07
C ASN A 60 -12.58 7.80 14.17
N PHE A 61 -11.91 6.98 13.37
CA PHE A 61 -10.66 7.37 12.70
C PHE A 61 -10.68 7.02 11.20
N VAL A 62 -10.38 8.02 10.36
CA VAL A 62 -10.27 7.85 8.92
C VAL A 62 -8.82 8.00 8.49
N ARG A 63 -8.26 6.96 7.88
CA ARG A 63 -6.85 6.96 7.44
C ARG A 63 -6.77 6.93 5.92
N ILE A 64 -6.01 7.87 5.37
CA ILE A 64 -5.90 8.00 3.93
C ILE A 64 -4.46 7.81 3.48
N ARG A 65 -4.27 7.02 2.43
CA ARG A 65 -2.97 6.85 1.81
C ARG A 65 -3.10 6.89 0.31
N LEU A 66 -2.22 7.62 -0.36
CA LEU A 66 -2.26 7.63 -1.82
C LEU A 66 -0.88 7.50 -2.45
N ASP A 67 -0.88 6.92 -3.65
CA ASP A 67 0.28 6.95 -4.55
C ASP A 67 0.06 7.98 -5.65
N HIS A 68 1.10 8.78 -5.92
CA HIS A 68 1.19 9.60 -7.11
C HIS A 68 2.14 8.93 -8.09
N ILE A 69 1.62 8.65 -9.28
CA ILE A 69 2.32 7.88 -10.31
C ILE A 69 2.64 8.73 -11.54
N ALA A 70 1.65 9.50 -11.99
CA ALA A 70 1.71 10.14 -13.29
C ALA A 70 2.81 11.21 -13.37
N ARG A 71 2.97 12.00 -12.32
CA ARG A 71 4.03 13.01 -12.30
C ARG A 71 4.61 13.18 -10.91
N GLN A 72 5.70 13.94 -10.87
CA GLN A 72 6.38 14.29 -9.63
C GLN A 72 6.15 15.76 -9.28
N MET A 73 6.09 16.06 -7.99
CA MET A 73 5.95 17.43 -7.52
C MET A 73 7.33 17.93 -7.09
N GLU A 74 7.86 18.88 -7.84
CA GLU A 74 9.28 19.20 -7.75
C GLU A 74 9.64 20.35 -6.82
N THR A 75 8.66 21.14 -6.40
CA THR A 75 8.92 22.28 -5.52
C THR A 75 8.20 22.17 -4.17
N ALA A 76 8.76 22.80 -3.14
CA ALA A 76 8.12 22.81 -1.83
C ALA A 76 6.74 23.42 -1.87
N GLU A 77 6.58 24.48 -2.68
CA GLU A 77 5.30 25.18 -2.76
C GLU A 77 4.20 24.29 -3.35
N VAL A 78 4.53 23.57 -4.42
CA VAL A 78 3.53 22.71 -5.06
C VAL A 78 3.18 21.55 -4.15
N ARG A 79 4.18 20.99 -3.46
CA ARG A 79 3.95 19.87 -2.56
C ARG A 79 3.06 20.30 -1.39
N ALA A 80 3.29 21.50 -0.88
CA ALA A 80 2.43 22.05 0.18
C ALA A 80 1.01 22.35 -0.32
N LEU A 81 0.89 22.84 -1.54
CA LEU A 81 -0.42 23.15 -2.11
C LEU A 81 -1.26 21.89 -2.25
N MET A 82 -0.63 20.80 -2.69
CA MET A 82 -1.32 19.52 -2.83
C MET A 82 -1.95 19.07 -1.51
N MET A 83 -1.18 19.13 -0.43
CA MET A 83 -1.67 18.72 0.88
C MET A 83 -2.80 19.65 1.35
N THR A 84 -2.64 20.95 1.13
CA THR A 84 -3.65 21.94 1.50
C THR A 84 -4.98 21.72 0.76
N VAL A 85 -4.91 21.51 -0.55
CA VAL A 85 -6.12 21.30 -1.34
C VAL A 85 -6.78 19.97 -0.96
N ALA A 86 -5.97 18.94 -0.71
CA ALA A 86 -6.52 17.66 -0.26
C ALA A 86 -7.33 17.84 1.03
N GLU A 87 -6.80 18.57 2.00
CA GLU A 87 -7.50 18.80 3.26
C GLU A 87 -8.81 19.54 3.04
N GLU A 88 -8.80 20.49 2.10
CA GLU A 88 -9.99 21.26 1.77
C GLU A 88 -11.11 20.37 1.22
N LYS A 89 -10.75 19.42 0.35
CA LYS A 89 -11.75 18.54 -0.26
C LYS A 89 -12.30 17.56 0.76
N LEU A 90 -11.47 17.14 1.70
CA LEU A 90 -11.85 16.12 2.67
C LEU A 90 -12.72 16.65 3.81
N ALA A 91 -12.52 17.92 4.18
CA ALA A 91 -13.06 18.47 5.42
C ALA A 91 -14.58 18.30 5.60
N PRO A 92 -15.38 18.53 4.55
CA PRO A 92 -16.83 18.43 4.74
C PRO A 92 -17.30 17.02 5.11
N PHE A 93 -16.52 16.00 4.79
CA PHE A 93 -16.90 14.60 4.99
C PHE A 93 -16.25 13.95 6.21
N ILE A 94 -15.12 14.51 6.65
CA ILE A 94 -14.31 13.86 7.67
C ILE A 94 -14.13 14.78 8.87
N LYS A 95 -13.32 15.83 8.74
CA LYS A 95 -13.11 16.79 9.83
C LYS A 95 -14.44 17.32 10.39
N GLU A 96 -15.33 17.75 9.51
CA GLU A 96 -16.56 18.41 9.95
C GLU A 96 -17.61 17.43 10.46
N ARG A 97 -17.37 16.13 10.30
CA ARG A 97 -18.25 15.11 10.86
C ARG A 97 -17.68 14.54 12.16
N GLY A 98 -16.59 15.12 12.65
CA GLY A 98 -16.07 14.79 13.95
C GLY A 98 -15.07 13.66 14.01
N TYR A 99 -14.63 13.17 12.85
CA TYR A 99 -13.64 12.09 12.80
C TYR A 99 -12.22 12.58 13.07
N ASP A 100 -11.38 11.70 13.62
CA ASP A 100 -9.94 11.90 13.60
C ASP A 100 -9.47 11.45 12.24
N TRP A 101 -8.39 12.03 11.73
CA TRP A 101 -7.90 11.63 10.41
C TRP A 101 -6.40 11.94 10.19
N GLU A 102 -5.82 11.23 9.24
CA GLU A 102 -4.41 11.34 8.88
C GLU A 102 -4.25 10.94 7.42
N ILE A 103 -3.30 11.55 6.72
CA ILE A 103 -3.09 11.30 5.31
C ILE A 103 -1.60 11.36 4.94
N HIS A 104 -1.14 10.45 4.08
CA HIS A 104 0.18 10.61 3.48
C HIS A 104 0.22 10.10 2.04
N ILE A 105 1.25 10.55 1.33
CA ILE A 105 1.43 10.28 -0.10
C ILE A 105 2.78 9.63 -0.37
N ASP A 106 2.83 8.65 -1.28
CA ASP A 106 4.10 8.19 -1.83
C ASP A 106 4.15 8.49 -3.32
N GLU A 107 5.35 8.73 -3.83
CA GLU A 107 5.55 8.93 -5.26
C GLU A 107 6.23 7.71 -5.86
N THR A 108 5.62 7.11 -6.88
CA THR A 108 6.10 5.86 -7.46
C THR A 108 6.49 6.08 -8.94
N PRO A 109 7.32 5.20 -9.50
CA PRO A 109 7.86 5.43 -10.86
C PRO A 109 6.83 5.50 -12.00
N MET A 110 6.94 6.55 -12.82
CA MET A 110 6.03 6.77 -13.95
C MET A 110 6.06 5.69 -15.02
N ASP A 111 7.22 5.07 -15.19
CA ASP A 111 7.39 4.12 -16.26
C ASP A 111 6.96 2.69 -15.90
N LEU A 112 6.54 2.45 -14.65
CA LEU A 112 6.05 1.13 -14.24
C LEU A 112 4.54 1.18 -14.02
N TRP A 113 3.82 1.61 -15.05
CA TRP A 113 2.40 1.91 -14.93
C TRP A 113 1.72 1.72 -16.28
N ARG A 114 0.62 0.97 -16.28
CA ARG A 114 -0.17 0.75 -17.50
C ARG A 114 -1.64 0.89 -17.15
N THR A 115 -2.43 1.39 -18.09
CA THR A 115 -3.87 1.44 -17.90
C THR A 115 -4.56 0.84 -19.15
N GLN A 116 -5.45 -0.13 -18.92
CA GLN A 116 -6.07 -0.91 -20.02
C GLN A 116 -5.01 -1.53 -20.91
N GLY A 117 -3.86 -1.87 -20.34
CA GLY A 117 -2.78 -2.49 -21.07
C GLY A 117 -1.93 -1.53 -21.89
N LEU A 118 -2.25 -0.24 -21.84
CA LEU A 118 -1.57 0.76 -22.65
C LEU A 118 -0.58 1.62 -21.86
N VAL A 119 0.45 2.10 -22.56
CA VAL A 119 1.38 3.08 -22.00
C VAL A 119 0.75 4.47 -21.99
N PRO A 120 0.59 5.06 -20.80
CA PRO A 120 0.02 6.41 -20.81
C PRO A 120 0.89 7.41 -21.55
N PRO A 121 0.29 8.40 -22.21
CA PRO A 121 1.09 9.36 -22.98
C PRO A 121 1.91 10.30 -22.10
N PRO A 122 2.88 10.98 -22.70
CA PRO A 122 3.72 11.87 -21.87
C PRO A 122 2.91 12.98 -21.22
N PRO A 123 3.32 13.44 -20.05
CA PRO A 123 2.64 14.56 -19.39
C PRO A 123 2.57 15.77 -20.30
N GLU A 124 1.40 16.40 -20.36
CA GLU A 124 1.18 17.63 -21.13
C GLU A 124 1.30 17.47 -22.66
N SER A 125 1.40 16.24 -23.12
CA SER A 125 1.48 15.96 -24.55
C SER A 125 0.13 16.14 -25.24
N ASP A 126 0.16 16.25 -26.57
CA ASP A 126 -1.06 16.40 -27.33
C ASP A 126 -1.95 15.18 -27.15
N MET A 127 -1.34 14.00 -27.07
CA MET A 127 -2.09 12.76 -26.88
C MET A 127 -2.74 12.71 -25.49
N GLU A 128 -2.05 13.22 -24.47
CA GLU A 128 -2.65 13.26 -23.14
C GLU A 128 -3.92 14.11 -23.16
N LYS A 129 -3.90 15.21 -23.92
CA LYS A 129 -5.06 16.10 -24.01
C LYS A 129 -6.24 15.40 -24.67
N LEU A 130 -5.95 14.51 -25.63
CA LEU A 130 -7.01 13.73 -26.28
C LEU A 130 -7.56 12.69 -25.30
N TRP A 131 -6.67 12.00 -24.57
CA TRP A 131 -7.11 11.09 -23.54
C TRP A 131 -8.01 11.79 -22.52
N ALA A 132 -7.70 13.04 -22.20
CA ALA A 132 -8.49 13.80 -21.23
C ALA A 132 -9.85 14.20 -21.80
N LYS A 133 -9.88 14.62 -23.06
CA LYS A 133 -11.11 15.08 -23.69
C LYS A 133 -12.10 13.93 -23.86
N GLU A 134 -11.60 12.76 -24.30
CA GLU A 134 -12.45 11.58 -24.44
C GLU A 134 -12.64 10.84 -23.12
N ASN A 135 -11.83 11.17 -22.11
CA ASN A 135 -11.82 10.49 -20.82
C ASN A 135 -11.77 8.96 -20.93
N ARG A 136 -10.85 8.49 -21.77
CA ARG A 136 -10.59 7.07 -21.94
C ARG A 136 -9.22 6.86 -22.60
N PRO A 137 -8.60 5.69 -22.40
CA PRO A 137 -7.31 5.41 -23.03
C PRO A 137 -7.46 5.14 -24.53
N ILE A 138 -6.87 5.99 -25.35
CA ILE A 138 -6.99 5.88 -26.80
C ILE A 138 -5.72 5.23 -27.32
N PRO A 139 -5.83 4.06 -27.99
CA PRO A 139 -4.62 3.46 -28.54
C PRO A 139 -3.93 4.41 -29.51
N TYR A 140 -2.60 4.42 -29.51
CA TYR A 140 -1.81 5.37 -30.31
C TYR A 140 -0.43 4.81 -30.64
N PRO B 1 8.25 -10.45 -4.75
CA PRO B 1 7.18 -9.58 -5.25
C PRO B 1 5.93 -9.64 -4.38
N TYR B 2 5.33 -8.47 -4.18
CA TYR B 2 4.17 -8.33 -3.30
C TYR B 2 3.04 -7.75 -4.13
N TRP B 3 2.11 -8.59 -4.54
CA TRP B 3 1.00 -8.19 -5.42
C TRP B 3 -0.31 -8.06 -4.65
N GLU B 4 -1.00 -6.93 -4.86
CA GLU B 4 -2.38 -6.76 -4.39
C GLU B 4 -3.29 -6.67 -5.59
N ILE B 5 -4.34 -7.46 -5.56
CA ILE B 5 -5.31 -7.44 -6.64
C ILE B 5 -6.70 -7.18 -6.08
N PHE B 6 -7.20 -5.97 -6.33
CA PHE B 6 -8.52 -5.57 -5.89
C PHE B 6 -9.52 -5.87 -6.98
N THR B 7 -10.54 -6.70 -6.68
CA THR B 7 -11.49 -7.15 -7.68
C THR B 7 -12.92 -6.92 -7.20
N PRO B 8 -13.88 -6.90 -8.14
CA PRO B 8 -15.29 -6.97 -7.76
C PRO B 8 -15.55 -8.22 -6.92
N GLU B 9 -16.53 -8.18 -6.02
CA GLU B 9 -16.86 -9.33 -5.17
C GLU B 9 -17.13 -10.56 -6.02
N ASN B 10 -16.53 -11.68 -5.63
CA ASN B 10 -16.74 -12.98 -6.27
C ASN B 10 -16.35 -13.03 -7.74
N ALA B 11 -15.46 -12.14 -8.17
CA ALA B 11 -14.99 -12.18 -9.56
C ALA B 11 -14.27 -13.49 -9.88
N PHE B 12 -13.45 -13.95 -8.94
CA PHE B 12 -12.59 -15.12 -9.15
C PHE B 12 -12.91 -16.25 -8.19
N THR B 13 -12.93 -17.46 -8.72
CA THR B 13 -13.03 -18.66 -7.90
C THR B 13 -11.67 -18.96 -7.28
N PRO B 14 -11.62 -19.84 -6.27
CA PRO B 14 -10.33 -20.27 -5.74
C PRO B 14 -9.42 -20.85 -6.83
N ASP B 15 -9.99 -21.58 -7.77
CA ASP B 15 -9.21 -22.11 -8.87
C ASP B 15 -8.66 -21.01 -9.79
N ASP B 16 -9.46 -19.96 -10.06
CA ASP B 16 -8.98 -18.80 -10.82
C ASP B 16 -7.77 -18.17 -10.14
N LYS B 17 -7.89 -17.99 -8.83
CA LYS B 17 -6.85 -17.33 -8.05
C LYS B 17 -5.56 -18.15 -8.02
N GLU B 18 -5.71 -19.47 -7.91
CA GLU B 18 -4.55 -20.33 -7.96
C GLU B 18 -3.88 -20.22 -9.33
N GLN B 19 -4.66 -20.30 -10.40
CA GLN B 19 -4.07 -20.25 -11.72
C GLN B 19 -3.42 -18.89 -12.01
N LEU B 20 -4.05 -17.81 -11.57
CA LEU B 20 -3.49 -16.48 -11.80
C LEU B 20 -2.22 -16.26 -10.98
N SER B 21 -2.23 -16.69 -9.72
CA SER B 21 -1.05 -16.51 -8.87
C SER B 21 0.10 -17.38 -9.39
N GLU B 22 -0.23 -18.52 -9.98
CA GLU B 22 0.78 -19.36 -10.64
C GLU B 22 1.40 -18.67 -11.85
N ALA B 23 0.55 -18.04 -12.66
CA ALA B 23 1.00 -17.31 -13.84
C ALA B 23 1.92 -16.17 -13.42
N ILE B 24 1.54 -15.48 -12.35
CA ILE B 24 2.35 -14.38 -11.83
C ILE B 24 3.70 -14.89 -11.32
N THR B 25 3.68 -16.00 -10.60
CA THR B 25 4.92 -16.58 -10.09
C THR B 25 5.86 -16.93 -11.26
N SER B 26 5.31 -17.39 -12.37
CA SER B 26 6.12 -17.84 -13.50
C SER B 26 6.93 -16.71 -14.16
N ILE B 27 6.43 -15.47 -14.06
CA ILE B 27 7.21 -14.31 -14.53
C ILE B 27 8.62 -14.35 -13.93
N TYR B 28 8.69 -14.51 -12.63
CA TYR B 28 9.93 -14.39 -11.89
C TYR B 28 10.77 -15.67 -11.92
N VAL B 29 10.11 -16.83 -11.95
CA VAL B 29 10.82 -18.09 -12.06
C VAL B 29 11.50 -18.21 -13.43
N ASP B 30 10.77 -17.89 -14.48
CA ASP B 30 11.26 -18.10 -15.83
C ASP B 30 12.43 -17.18 -16.16
N TYR B 31 12.38 -15.94 -15.71
CA TYR B 31 13.40 -14.98 -16.11
C TYR B 31 14.63 -14.97 -15.23
N VAL B 32 14.49 -15.29 -13.93
CA VAL B 32 15.63 -15.19 -13.02
C VAL B 32 15.82 -16.37 -12.04
N ASN B 33 14.91 -17.34 -12.03
CA ASN B 33 14.97 -18.47 -11.09
C ASN B 33 14.86 -18.00 -9.65
N LEU B 34 13.95 -17.07 -9.42
CA LEU B 34 13.66 -16.59 -8.07
C LEU B 34 13.00 -17.71 -7.26
N PRO B 35 13.31 -17.81 -5.95
CA PRO B 35 12.53 -18.74 -5.10
C PRO B 35 11.04 -18.46 -5.21
N ARG B 36 10.25 -19.50 -5.45
CA ARG B 36 8.82 -19.32 -5.71
C ARG B 36 8.10 -18.62 -4.56
N PHE B 37 8.47 -18.96 -3.33
CA PHE B 37 7.75 -18.44 -2.17
C PHE B 37 7.99 -16.93 -1.93
N TYR B 38 8.91 -16.30 -2.67
CA TYR B 38 9.07 -14.84 -2.61
C TYR B 38 7.81 -14.15 -3.17
N VAL B 39 7.08 -14.85 -4.03
CA VAL B 39 5.97 -14.24 -4.78
C VAL B 39 4.67 -14.40 -4.00
N VAL B 40 4.18 -13.28 -3.48
CA VAL B 40 2.94 -13.24 -2.70
C VAL B 40 1.89 -12.45 -3.48
N VAL B 41 0.71 -13.05 -3.63
CA VAL B 41 -0.43 -12.41 -4.29
C VAL B 41 -1.61 -12.40 -3.32
N LEU B 42 -2.10 -11.21 -3.02
CA LEU B 42 -3.22 -11.01 -2.11
C LEU B 42 -4.44 -10.55 -2.89
N PHE B 43 -5.51 -11.34 -2.85
CA PHE B 43 -6.75 -11.00 -3.52
C PHE B 43 -7.73 -10.33 -2.55
N LYS B 44 -8.22 -9.16 -2.92
CA LYS B 44 -9.13 -8.43 -2.07
C LYS B 44 -10.41 -8.07 -2.79
N ASP B 45 -11.49 -8.71 -2.36
CA ASP B 45 -12.81 -8.47 -2.90
C ASP B 45 -13.32 -7.11 -2.43
N MET B 46 -13.86 -6.35 -3.37
CA MET B 46 -14.40 -5.02 -3.11
C MET B 46 -15.88 -5.00 -3.47
N PRO B 47 -16.76 -4.77 -2.47
CA PRO B 47 -18.21 -4.73 -2.79
C PRO B 47 -18.58 -3.63 -3.75
N LYS B 48 -19.79 -3.69 -4.31
CA LYS B 48 -20.27 -2.62 -5.17
C LYS B 48 -20.25 -1.29 -4.42
N GLU B 49 -20.00 -0.24 -5.19
CA GLU B 49 -19.95 1.13 -4.68
C GLU B 49 -18.80 1.36 -3.68
N THR B 50 -17.64 0.74 -3.93
CA THR B 50 -16.46 1.00 -3.10
C THR B 50 -15.25 1.39 -3.96
N MET B 51 -15.29 1.12 -5.26
CA MET B 51 -14.20 1.50 -6.18
C MET B 51 -14.69 2.59 -7.13
N TYR B 52 -14.10 3.79 -7.04
CA TYR B 52 -14.52 4.95 -7.82
C TYR B 52 -13.43 5.37 -8.79
N VAL B 53 -13.80 5.44 -10.07
CA VAL B 53 -12.88 5.84 -11.12
C VAL B 53 -13.38 7.13 -11.73
N GLY B 54 -12.57 8.18 -11.65
CA GLY B 54 -12.97 9.48 -12.16
C GLY B 54 -14.25 10.01 -11.55
N GLY B 55 -14.49 9.64 -10.29
CA GLY B 55 -15.59 10.17 -9.50
C GLY B 55 -16.89 9.39 -9.62
N LYS B 56 -16.83 8.24 -10.28
CA LYS B 56 -17.99 7.39 -10.50
C LYS B 56 -17.67 5.97 -10.11
N ALA B 57 -18.58 5.30 -9.41
CA ALA B 57 -18.37 3.89 -9.09
C ALA B 57 -18.17 3.08 -10.35
N ASN B 58 -17.12 2.26 -10.36
CA ASN B 58 -16.89 1.27 -11.39
C ASN B 58 -16.86 -0.11 -10.74
N ASN B 59 -17.94 -0.85 -10.92
CA ASN B 59 -18.09 -2.16 -10.30
C ASN B 59 -17.54 -3.27 -11.20
N ASN B 60 -16.85 -2.87 -12.26
CA ASN B 60 -16.30 -3.79 -13.24
C ASN B 60 -14.79 -3.54 -13.41
N PHE B 61 -14.12 -3.25 -12.30
CA PHE B 61 -12.76 -2.71 -12.34
C PHE B 61 -11.82 -3.51 -11.45
N VAL B 62 -10.69 -3.94 -12.02
CA VAL B 62 -9.65 -4.62 -11.26
C VAL B 62 -8.42 -3.72 -11.16
N ARG B 63 -8.02 -3.39 -9.94
CA ARG B 63 -6.87 -2.52 -9.72
C ARG B 63 -5.74 -3.33 -9.11
N ILE B 64 -4.58 -3.27 -9.74
CA ILE B 64 -3.42 -4.07 -9.29
C ILE B 64 -2.31 -3.14 -8.86
N ARG B 65 -1.73 -3.41 -7.71
CA ARG B 65 -0.56 -2.67 -7.22
C ARG B 65 0.45 -3.68 -6.69
N LEU B 66 1.73 -3.51 -7.04
CA LEU B 66 2.76 -4.38 -6.49
C LEU B 66 4.01 -3.65 -6.04
N ASP B 67 4.68 -4.25 -5.04
CA ASP B 67 6.03 -3.86 -4.64
C ASP B 67 7.03 -4.87 -5.16
N HIS B 68 8.13 -4.36 -5.71
CA HIS B 68 9.30 -5.19 -5.99
C HIS B 68 10.35 -4.90 -4.93
N ILE B 69 10.77 -5.94 -4.24
CA ILE B 69 11.67 -5.82 -3.10
C ILE B 69 13.02 -6.50 -3.41
N ALA B 70 12.96 -7.70 -3.96
CA ALA B 70 14.15 -8.55 -4.10
C ALA B 70 15.18 -8.05 -5.12
N ARG B 71 14.70 -7.44 -6.21
CA ARG B 71 15.57 -7.00 -7.29
C ARG B 71 15.16 -5.62 -7.77
N GLN B 72 16.11 -4.89 -8.36
CA GLN B 72 15.83 -3.61 -9.01
C GLN B 72 15.95 -3.79 -10.52
N MET B 73 15.13 -3.05 -11.26
CA MET B 73 15.18 -3.11 -12.71
C MET B 73 15.89 -1.86 -13.24
N GLU B 74 17.08 -2.04 -13.79
CA GLU B 74 18.02 -0.95 -14.02
C GLU B 74 18.03 -0.29 -15.41
N THR B 75 17.39 -0.91 -16.39
CA THR B 75 17.33 -0.35 -17.75
C THR B 75 15.90 -0.10 -18.19
N ALA B 76 15.69 0.84 -19.10
CA ALA B 76 14.36 1.09 -19.64
C ALA B 76 13.83 -0.17 -20.32
N GLU B 77 14.70 -0.90 -20.99
CA GLU B 77 14.31 -2.11 -21.73
C GLU B 77 13.74 -3.19 -20.81
N VAL B 78 14.41 -3.42 -19.68
CA VAL B 78 13.96 -4.42 -18.71
C VAL B 78 12.64 -4.00 -18.06
N ARG B 79 12.53 -2.71 -17.75
CA ARG B 79 11.33 -2.19 -17.12
C ARG B 79 10.12 -2.31 -18.04
N ALA B 80 10.31 -2.02 -19.32
CA ALA B 80 9.24 -2.17 -20.30
C ALA B 80 8.86 -3.65 -20.49
N LEU B 81 9.86 -4.53 -20.46
CA LEU B 81 9.60 -5.95 -20.62
C LEU B 81 8.79 -6.49 -19.44
N MET B 82 9.11 -6.04 -18.23
CA MET B 82 8.34 -6.45 -17.05
C MET B 82 6.84 -6.11 -17.20
N MET B 83 6.54 -4.89 -17.64
CA MET B 83 5.13 -4.52 -17.81
C MET B 83 4.49 -5.36 -18.93
N THR B 84 5.21 -5.61 -20.00
CA THR B 84 4.69 -6.39 -21.12
C THR B 84 4.33 -7.81 -20.70
N VAL B 85 5.25 -8.45 -19.97
CA VAL B 85 5.01 -9.82 -19.52
C VAL B 85 3.88 -9.85 -18.50
N ALA B 86 3.82 -8.84 -17.63
CA ALA B 86 2.74 -8.77 -16.65
C ALA B 86 1.38 -8.72 -17.37
N GLU B 87 1.27 -7.90 -18.41
CA GLU B 87 0.00 -7.81 -19.14
C GLU B 87 -0.35 -9.16 -19.79
N GLU B 88 0.66 -9.88 -20.28
CA GLU B 88 0.43 -11.18 -20.91
C GLU B 88 -0.18 -12.20 -19.94
N LYS B 89 0.35 -12.24 -18.71
CA LYS B 89 -0.11 -13.20 -17.71
C LYS B 89 -1.51 -12.86 -17.21
N LEU B 90 -1.79 -11.57 -17.15
CA LEU B 90 -3.07 -11.09 -16.60
C LEU B 90 -4.22 -11.22 -17.60
N ALA B 91 -3.93 -11.10 -18.89
CA ALA B 91 -4.96 -10.95 -19.91
C ALA B 91 -6.05 -12.04 -19.89
N PRO B 92 -5.66 -13.31 -19.72
CA PRO B 92 -6.70 -14.35 -19.74
C PRO B 92 -7.74 -14.24 -18.61
N PHE B 93 -7.40 -13.56 -17.53
CA PHE B 93 -8.29 -13.48 -16.38
C PHE B 93 -9.02 -12.15 -16.26
N ILE B 94 -8.45 -11.10 -16.87
CA ILE B 94 -8.90 -9.74 -16.64
C ILE B 94 -9.40 -9.12 -17.94
N LYS B 95 -8.50 -8.75 -18.85
CA LYS B 95 -8.87 -8.15 -20.13
C LYS B 95 -9.87 -9.01 -20.89
N GLU B 96 -9.57 -10.30 -20.98
CA GLU B 96 -10.36 -11.19 -21.82
C GLU B 96 -11.69 -11.55 -21.19
N ARG B 97 -11.90 -11.17 -19.93
CA ARG B 97 -13.18 -11.38 -19.27
C ARG B 97 -13.99 -10.10 -19.19
N GLY B 98 -13.48 -9.04 -19.82
CA GLY B 98 -14.24 -7.81 -19.98
C GLY B 98 -14.04 -6.78 -18.89
N TYR B 99 -13.10 -7.03 -17.97
CA TYR B 99 -12.84 -6.06 -16.90
C TYR B 99 -12.09 -4.85 -17.43
N ASP B 100 -12.28 -3.72 -16.76
CA ASP B 100 -11.37 -2.58 -16.89
C ASP B 100 -10.24 -2.83 -15.89
N TRP B 101 -9.04 -2.35 -16.17
CA TRP B 101 -7.93 -2.62 -15.24
C TRP B 101 -6.80 -1.62 -15.37
N GLU B 102 -5.99 -1.53 -14.31
CA GLU B 102 -4.85 -0.63 -14.23
C GLU B 102 -3.85 -1.25 -13.27
N ILE B 103 -2.56 -1.02 -13.51
CA ILE B 103 -1.51 -1.65 -12.73
C ILE B 103 -0.34 -0.71 -12.54
N HIS B 104 0.25 -0.68 -11.36
CA HIS B 104 1.53 -0.01 -11.20
C HIS B 104 2.42 -0.69 -10.18
N ILE B 105 3.72 -0.38 -10.28
CA ILE B 105 4.75 -1.02 -9.47
C ILE B 105 5.54 0.03 -8.70
N ASP B 106 5.88 -0.30 -7.45
CA ASP B 106 6.85 0.48 -6.70
C ASP B 106 8.05 -0.41 -6.38
N GLU B 107 9.23 0.20 -6.30
CA GLU B 107 10.42 -0.54 -5.88
C GLU B 107 10.76 -0.07 -4.47
N THR B 108 10.89 -1.03 -3.55
CA THR B 108 11.12 -0.72 -2.14
C THR B 108 12.48 -1.31 -1.71
N PRO B 109 13.04 -0.80 -0.60
CA PRO B 109 14.40 -1.19 -0.18
C PRO B 109 14.59 -2.69 0.12
N MET B 110 15.58 -3.28 -0.54
CA MET B 110 15.81 -4.71 -0.42
C MET B 110 16.22 -5.09 1.00
N ASP B 111 16.85 -4.17 1.72
CA ASP B 111 17.41 -4.48 3.04
C ASP B 111 16.42 -4.31 4.20
N LEU B 112 15.21 -3.86 3.92
CA LEU B 112 14.15 -3.75 4.93
C LEU B 112 13.07 -4.81 4.72
N TRP B 113 13.50 -6.07 4.69
CA TRP B 113 12.66 -7.19 4.30
C TRP B 113 13.15 -8.47 4.98
N ARG B 114 12.25 -9.20 5.62
CA ARG B 114 12.57 -10.47 6.28
C ARG B 114 11.48 -11.46 5.92
N THR B 115 11.86 -12.73 5.79
CA THR B 115 10.88 -13.78 5.57
C THR B 115 11.15 -14.90 6.56
N GLN B 116 10.11 -15.27 7.30
CA GLN B 116 10.22 -16.23 8.39
C GLN B 116 11.31 -15.80 9.38
N GLY B 117 11.47 -14.49 9.53
CA GLY B 117 12.45 -13.93 10.45
C GLY B 117 13.87 -13.92 9.91
N LEU B 118 14.05 -14.36 8.67
CA LEU B 118 15.38 -14.48 8.07
C LEU B 118 15.72 -13.40 7.03
N VAL B 119 17.01 -13.08 6.94
CA VAL B 119 17.54 -12.21 5.90
C VAL B 119 17.67 -12.98 4.59
N PRO B 120 16.94 -12.55 3.54
CA PRO B 120 17.09 -13.28 2.27
C PRO B 120 18.52 -13.17 1.75
N PRO B 121 19.03 -14.23 1.10
CA PRO B 121 20.43 -14.20 0.63
C PRO B 121 20.63 -13.29 -0.58
N PRO B 122 21.89 -13.00 -0.91
CA PRO B 122 22.14 -12.10 -2.04
C PRO B 122 21.63 -12.66 -3.36
N PRO B 123 21.20 -11.77 -4.28
CA PRO B 123 20.79 -12.23 -5.61
C PRO B 123 21.88 -13.03 -6.29
N GLU B 124 21.48 -14.14 -6.92
CA GLU B 124 22.36 -15.02 -7.69
C GLU B 124 23.39 -15.78 -6.84
N SER B 125 23.25 -15.69 -5.51
CA SER B 125 24.14 -16.42 -4.61
C SER B 125 23.81 -17.91 -4.58
N ASP B 126 24.76 -18.71 -4.10
CA ASP B 126 24.55 -20.13 -3.95
C ASP B 126 23.42 -20.39 -2.97
N MET B 127 23.33 -19.55 -1.94
CA MET B 127 22.28 -19.73 -0.94
C MET B 127 20.91 -19.40 -1.56
N GLU B 128 20.84 -18.39 -2.42
CA GLU B 128 19.57 -18.10 -3.10
C GLU B 128 19.17 -19.30 -3.97
N LYS B 129 20.14 -19.89 -4.65
CA LYS B 129 19.85 -21.05 -5.49
C LYS B 129 19.36 -22.23 -4.66
N LEU B 130 19.88 -22.37 -3.43
CA LEU B 130 19.41 -23.41 -2.51
C LEU B 130 17.98 -23.13 -2.03
N TRP B 131 17.72 -21.89 -1.63
CA TRP B 131 16.38 -21.49 -1.26
C TRP B 131 15.39 -21.78 -2.40
N ALA B 132 15.82 -21.54 -3.64
CA ALA B 132 14.94 -21.79 -4.78
C ALA B 132 14.73 -23.30 -4.98
N LYS B 133 15.79 -24.07 -4.80
CA LYS B 133 15.70 -25.52 -5.01
C LYS B 133 14.74 -26.15 -4.03
N GLU B 134 14.87 -25.78 -2.77
CA GLU B 134 14.02 -26.34 -1.72
C GLU B 134 12.69 -25.62 -1.56
N ASN B 135 12.56 -24.44 -2.17
CA ASN B 135 11.39 -23.57 -2.05
C ASN B 135 11.00 -23.36 -0.59
N ARG B 136 12.01 -23.05 0.21
CA ARG B 136 11.87 -22.73 1.63
C ARG B 136 13.01 -21.82 2.07
N PRO B 137 12.76 -20.96 3.07
CA PRO B 137 13.84 -20.17 3.68
C PRO B 137 14.63 -20.99 4.70
N ILE B 138 15.90 -21.22 4.40
CA ILE B 138 16.80 -22.02 5.25
C ILE B 138 17.80 -21.13 5.98
N PRO B 139 17.86 -21.21 7.32
CA PRO B 139 18.82 -20.38 8.05
C PRO B 139 20.27 -20.61 7.62
N TYR B 140 21.04 -19.53 7.61
CA TYR B 140 22.41 -19.57 7.15
C TYR B 140 23.15 -18.43 7.85
N ASP B 141 24.46 -18.32 7.63
CA ASP B 141 25.24 -17.23 8.22
C ASP B 141 25.72 -16.23 7.16
N PRO C 1 4.45 5.95 11.81
CA PRO C 1 4.50 4.65 11.15
C PRO C 1 3.12 4.15 10.78
N TYR C 2 3.04 3.53 9.61
CA TYR C 2 1.78 3.04 9.08
C TYR C 2 1.92 1.55 8.83
N TRP C 3 1.32 0.74 9.71
CA TRP C 3 1.43 -0.72 9.67
C TRP C 3 0.15 -1.37 9.15
N GLU C 4 0.30 -2.26 8.16
CA GLU C 4 -0.77 -3.15 7.73
C GLU C 4 -0.41 -4.58 8.10
N ILE C 5 -1.34 -5.26 8.77
CA ILE C 5 -1.15 -6.65 9.17
C ILE C 5 -2.30 -7.51 8.61
N PHE C 6 -2.00 -8.30 7.58
CA PHE C 6 -2.97 -9.18 6.95
C PHE C 6 -2.93 -10.54 7.64
N THR C 7 -4.05 -10.99 8.19
CA THR C 7 -4.07 -12.24 8.95
C THR C 7 -5.19 -13.17 8.52
N PRO C 8 -5.07 -14.47 8.87
CA PRO C 8 -6.24 -15.33 8.74
C PRO C 8 -7.42 -14.78 9.54
N GLU C 9 -8.64 -15.03 9.08
CA GLU C 9 -9.83 -14.54 9.77
C GLU C 9 -9.85 -15.00 11.22
N ASN C 10 -10.11 -14.06 12.12
CA ASN C 10 -10.25 -14.34 13.54
C ASN C 10 -8.99 -14.88 14.21
N ALA C 11 -7.83 -14.62 13.62
CA ALA C 11 -6.56 -15.01 14.22
C ALA C 11 -6.36 -14.32 15.57
N PHE C 12 -6.72 -13.04 15.64
CA PHE C 12 -6.48 -12.22 16.82
C PHE C 12 -7.78 -11.69 17.44
N THR C 13 -7.86 -11.77 18.76
CA THR C 13 -8.93 -11.14 19.53
C THR C 13 -8.66 -9.64 19.66
N PRO C 14 -9.67 -8.87 20.07
CA PRO C 14 -9.40 -7.45 20.33
C PRO C 14 -8.28 -7.25 21.35
N ASP C 15 -8.20 -8.11 22.37
CA ASP C 15 -7.14 -7.97 23.35
C ASP C 15 -5.78 -8.29 22.75
N ASP C 16 -5.74 -9.29 21.87
CA ASP C 16 -4.53 -9.60 21.12
C ASP C 16 -4.07 -8.39 20.31
N LYS C 17 -5.00 -7.78 19.59
CA LYS C 17 -4.67 -6.66 18.72
C LYS C 17 -4.19 -5.47 19.54
N GLU C 18 -4.80 -5.25 20.69
CA GLU C 18 -4.36 -4.17 21.57
C GLU C 18 -2.94 -4.44 22.06
N GLN C 19 -2.68 -5.66 22.50
CA GLN C 19 -1.36 -5.98 23.03
C GLN C 19 -0.29 -5.92 21.94
N LEU C 20 -0.61 -6.42 20.75
CA LEU C 20 0.34 -6.39 19.65
C LEU C 20 0.56 -4.94 19.18
N SER C 21 -0.50 -4.15 19.07
CA SER C 21 -0.33 -2.76 18.62
C SER C 21 0.42 -1.96 19.70
N GLU C 22 0.22 -2.32 20.96
CA GLU C 22 0.99 -1.71 22.04
C GLU C 22 2.49 -2.03 21.93
N ALA C 23 2.81 -3.29 21.63
CA ALA C 23 4.19 -3.71 21.44
C ALA C 23 4.84 -2.98 20.28
N ILE C 24 4.11 -2.85 19.18
CA ILE C 24 4.61 -2.13 17.99
C ILE C 24 4.84 -0.64 18.33
N THR C 25 3.89 -0.04 19.05
CA THR C 25 4.03 1.36 19.43
C THR C 25 5.27 1.54 20.31
N SER C 26 5.56 0.56 21.16
CA SER C 26 6.68 0.68 22.10
C SER C 26 8.03 0.75 21.35
N ILE C 27 8.09 0.16 20.15
CA ILE C 27 9.28 0.30 19.30
C ILE C 27 9.65 1.77 19.10
N TYR C 28 8.66 2.57 18.72
CA TYR C 28 8.92 3.93 18.34
C TYR C 28 9.02 4.87 19.53
N VAL C 29 8.30 4.55 20.59
CA VAL C 29 8.41 5.30 21.82
C VAL C 29 9.81 5.10 22.43
N ASP C 30 10.21 3.84 22.54
CA ASP C 30 11.48 3.51 23.23
C ASP C 30 12.74 3.89 22.45
N TYR C 31 12.75 3.59 21.15
CA TYR C 31 13.95 3.75 20.33
C TYR C 31 14.09 5.11 19.64
N VAL C 32 12.96 5.79 19.39
CA VAL C 32 12.94 7.03 18.61
C VAL C 32 12.22 8.19 19.30
N ASN C 33 11.55 7.93 20.42
CA ASN C 33 10.81 8.96 21.16
C ASN C 33 9.73 9.64 20.30
N LEU C 34 9.08 8.87 19.45
CA LEU C 34 7.94 9.35 18.67
C LEU C 34 6.70 9.51 19.53
N PRO C 35 5.85 10.50 19.21
CA PRO C 35 4.50 10.54 19.79
C PRO C 35 3.75 9.22 19.56
N ARG C 36 3.06 8.70 20.58
CA ARG C 36 2.40 7.41 20.45
C ARG C 36 1.40 7.42 19.29
N PHE C 37 0.68 8.53 19.15
CA PHE C 37 -0.41 8.57 18.16
C PHE C 37 0.10 8.62 16.71
N TYR C 38 1.40 8.76 16.50
CA TYR C 38 1.95 8.57 15.16
C TYR C 38 1.82 7.12 14.68
N VAL C 39 1.76 6.18 15.61
CA VAL C 39 1.83 4.76 15.26
C VAL C 39 0.43 4.21 15.00
N VAL C 40 0.17 3.90 13.73
CA VAL C 40 -1.10 3.35 13.28
C VAL C 40 -0.93 1.91 12.83
N VAL C 41 -1.76 1.04 13.37
CA VAL C 41 -1.74 -0.37 13.01
C VAL C 41 -3.14 -0.77 12.54
N LEU C 42 -3.22 -1.25 11.31
CA LEU C 42 -4.46 -1.68 10.69
C LEU C 42 -4.48 -3.20 10.55
N PHE C 43 -5.44 -3.84 11.21
CA PHE C 43 -5.61 -5.30 11.10
C PHE C 43 -6.65 -5.63 10.03
N LYS C 44 -6.26 -6.48 9.08
CA LYS C 44 -7.11 -6.82 7.94
C LYS C 44 -7.26 -8.34 7.85
N ASP C 45 -8.45 -8.82 8.21
CA ASP C 45 -8.75 -10.25 8.15
C ASP C 45 -8.87 -10.68 6.70
N MET C 46 -8.22 -11.80 6.36
CA MET C 46 -8.22 -12.34 5.01
C MET C 46 -8.83 -13.74 5.04
N PRO C 47 -9.95 -13.95 4.34
CA PRO C 47 -10.55 -15.29 4.33
C PRO C 47 -9.65 -16.35 3.70
N LYS C 48 -9.99 -17.62 3.88
CA LYS C 48 -9.24 -18.70 3.23
C LYS C 48 -9.27 -18.50 1.73
N GLU C 49 -8.20 -18.94 1.06
CA GLU C 49 -8.09 -18.84 -0.38
C GLU C 49 -8.03 -17.39 -0.90
N THR C 50 -7.37 -16.51 -0.15
CA THR C 50 -7.14 -15.13 -0.60
C THR C 50 -5.68 -14.72 -0.57
N MET C 51 -4.85 -15.46 0.18
CA MET C 51 -3.42 -15.19 0.26
C MET C 51 -2.63 -16.32 -0.40
N TYR C 52 -1.92 -16.00 -1.48
CA TYR C 52 -1.19 -16.98 -2.30
C TYR C 52 0.32 -16.78 -2.25
N VAL C 53 1.03 -17.85 -1.90
CA VAL C 53 2.49 -17.85 -1.81
C VAL C 53 3.07 -18.83 -2.83
N GLY C 54 3.86 -18.33 -3.76
CA GLY C 54 4.44 -19.17 -4.80
C GLY C 54 3.42 -19.94 -5.62
N GLY C 55 2.21 -19.39 -5.76
CA GLY C 55 1.17 -19.97 -6.60
C GLY C 55 0.22 -20.92 -5.88
N LYS C 56 0.34 -21.00 -4.55
CA LYS C 56 -0.50 -21.87 -3.73
C LYS C 56 -1.08 -21.10 -2.56
N ALA C 57 -2.35 -21.32 -2.25
CA ALA C 57 -2.97 -20.66 -1.09
C ALA C 57 -2.23 -21.03 0.18
N ASN C 58 -1.94 -20.03 1.01
CA ASN C 58 -1.44 -20.24 2.37
C ASN C 58 -2.38 -19.59 3.36
N ASN C 59 -3.18 -20.42 4.00
CA ASN C 59 -4.21 -19.96 4.94
C ASN C 59 -3.69 -19.84 6.38
N ASN C 60 -2.37 -19.99 6.53
CA ASN C 60 -1.69 -19.91 7.84
C ASN C 60 -0.57 -18.86 7.79
N PHE C 61 -0.85 -17.73 7.13
CA PHE C 61 0.18 -16.78 6.73
C PHE C 61 -0.19 -15.35 7.14
N VAL C 62 0.73 -14.69 7.84
CA VAL C 62 0.58 -13.30 8.25
C VAL C 62 1.57 -12.45 7.46
N ARG C 63 1.05 -11.51 6.69
CA ARG C 63 1.88 -10.64 5.84
C ARG C 63 1.81 -9.22 6.37
N ILE C 64 2.98 -8.64 6.61
CA ILE C 64 3.08 -7.31 7.20
C ILE C 64 3.78 -6.37 6.23
N ARG C 65 3.21 -5.18 6.05
CA ARG C 65 3.84 -4.12 5.27
C ARG C 65 3.70 -2.83 6.03
N LEU C 66 4.79 -2.07 6.10
CA LEU C 66 4.67 -0.76 6.73
C LEU C 66 5.37 0.34 5.95
N ASP C 67 4.83 1.55 6.12
CA ASP C 67 5.50 2.77 5.69
C ASP C 67 6.13 3.48 6.86
N HIS C 68 7.38 3.92 6.67
CA HIS C 68 8.01 4.87 7.58
C HIS C 68 8.00 6.24 6.93
N ILE C 69 7.42 7.20 7.63
CA ILE C 69 7.19 8.55 7.11
C ILE C 69 8.00 9.57 7.92
N ALA C 70 7.97 9.40 9.25
CA ALA C 70 8.51 10.38 10.20
C ALA C 70 10.03 10.50 10.21
N ARG C 71 10.73 9.39 9.97
CA ARG C 71 12.20 9.32 9.99
CA ARG C 71 12.18 9.45 9.87
C ARG C 71 12.74 8.53 8.80
N GLN C 72 13.99 8.82 8.42
CA GLN C 72 14.74 8.01 7.47
C GLN C 72 15.86 7.30 8.24
N MET C 73 16.16 6.05 7.87
CA MET C 73 17.23 5.28 8.51
C MET C 73 18.49 5.25 7.63
N GLU C 74 19.57 5.85 8.12
CA GLU C 74 20.71 6.17 7.27
C GLU C 74 21.87 5.16 7.27
N THR C 75 21.96 4.29 8.26
CA THR C 75 23.06 3.31 8.31
C THR C 75 22.55 1.87 8.24
N ALA C 76 23.41 0.97 7.74
CA ALA C 76 23.08 -0.45 7.65
C ALA C 76 22.75 -1.01 9.01
N GLU C 77 23.50 -0.57 10.03
CA GLU C 77 23.32 -1.08 11.38
C GLU C 77 21.95 -0.70 11.95
N VAL C 78 21.54 0.55 11.76
CA VAL C 78 20.23 0.98 12.26
C VAL C 78 19.10 0.29 11.50
N ARG C 79 19.26 0.16 10.19
CA ARG C 79 18.25 -0.52 9.37
C ARG C 79 18.11 -1.99 9.78
N ALA C 80 19.22 -2.66 10.07
CA ALA C 80 19.18 -4.04 10.53
C ALA C 80 18.54 -4.15 11.91
N LEU C 81 18.80 -3.16 12.76
CA LEU C 81 18.24 -3.15 14.10
C LEU C 81 16.71 -3.01 14.09
N MET C 82 16.19 -2.15 13.22
CA MET C 82 14.74 -1.99 13.07
C MET C 82 14.09 -3.35 12.75
N MET C 83 14.67 -4.08 11.81
CA MET C 83 14.10 -5.37 11.41
C MET C 83 14.19 -6.35 12.58
N THR C 84 15.31 -6.33 13.29
CA THR C 84 15.49 -7.19 14.46
C THR C 84 14.47 -6.90 15.54
N VAL C 85 14.25 -5.62 15.83
CA VAL C 85 13.32 -5.24 16.90
C VAL C 85 11.89 -5.57 16.51
N ALA C 86 11.55 -5.35 15.25
CA ALA C 86 10.22 -5.70 14.77
C ALA C 86 9.94 -7.19 15.01
N GLU C 87 10.90 -8.05 14.67
CA GLU C 87 10.72 -9.49 14.84
C GLU C 87 10.52 -9.84 16.32
N GLU C 88 11.24 -9.14 17.19
CA GLU C 88 11.10 -9.37 18.64
C GLU C 88 9.68 -9.07 19.13
N LYS C 89 9.09 -7.97 18.67
CA LYS C 89 7.74 -7.58 19.10
C LYS C 89 6.68 -8.51 18.55
N LEU C 90 6.92 -9.04 17.35
CA LEU C 90 5.93 -9.86 16.66
C LEU C 90 5.91 -11.31 17.14
N ALA C 91 7.07 -11.81 17.57
CA ALA C 91 7.24 -13.25 17.81
C ALA C 91 6.18 -13.89 18.75
N PRO C 92 5.82 -13.21 19.85
CA PRO C 92 4.84 -13.84 20.76
C PRO C 92 3.47 -14.07 20.15
N PHE C 93 3.14 -13.32 19.10
CA PHE C 93 1.80 -13.35 18.51
C PHE C 93 1.74 -14.14 17.21
N ILE C 94 2.87 -14.24 16.53
CA ILE C 94 2.90 -14.78 15.18
C ILE C 94 3.79 -16.02 15.12
N LYS C 95 5.12 -15.83 15.17
CA LYS C 95 6.05 -16.96 15.13
C LYS C 95 5.70 -18.03 16.17
N GLU C 96 5.48 -17.62 17.41
CA GLU C 96 5.30 -18.57 18.51
C GLU C 96 3.89 -19.19 18.50
N ARG C 97 3.03 -18.72 17.62
CA ARG C 97 1.70 -19.32 17.42
C ARG C 97 1.64 -20.18 16.18
N GLY C 98 2.78 -20.38 15.51
CA GLY C 98 2.86 -21.32 14.42
C GLY C 98 2.55 -20.78 13.03
N TYR C 99 2.38 -19.46 12.91
CA TYR C 99 2.11 -18.85 11.61
C TYR C 99 3.39 -18.76 10.76
N ASP C 100 3.21 -18.77 9.44
CA ASP C 100 4.26 -18.33 8.53
C ASP C 100 4.12 -16.82 8.46
N TRP C 101 5.21 -16.11 8.18
CA TRP C 101 5.12 -14.66 8.11
C TRP C 101 6.26 -14.01 7.33
N GLU C 102 6.01 -12.79 6.85
CA GLU C 102 6.95 -12.03 6.04
C GLU C 102 6.64 -10.55 6.27
N ILE C 103 7.65 -9.69 6.22
CA ILE C 103 7.50 -8.28 6.54
C ILE C 103 8.40 -7.42 5.64
N HIS C 104 7.90 -6.29 5.16
CA HIS C 104 8.80 -5.32 4.53
C HIS C 104 8.36 -3.89 4.79
N ILE C 105 9.30 -2.97 4.61
CA ILE C 105 9.10 -1.55 4.92
C ILE C 105 9.37 -0.73 3.67
N ASP C 106 8.56 0.30 3.44
CA ASP C 106 8.94 1.35 2.49
C ASP C 106 9.14 2.66 3.26
N GLU C 107 10.02 3.50 2.73
CA GLU C 107 10.27 4.83 3.27
C GLU C 107 9.65 5.86 2.33
N THR C 108 8.75 6.69 2.86
CA THR C 108 7.99 7.64 2.04
C THR C 108 8.29 9.08 2.48
N PRO C 109 8.02 10.07 1.60
CA PRO C 109 8.41 11.47 1.86
C PRO C 109 7.77 12.10 3.09
N MET C 110 8.59 12.66 3.98
CA MET C 110 8.07 13.22 5.23
C MET C 110 7.20 14.45 4.99
N ASP C 111 7.44 15.17 3.89
CA ASP C 111 6.73 16.44 3.65
C ASP C 111 5.37 16.27 2.95
N LEU C 112 5.01 15.04 2.61
CA LEU C 112 3.68 14.75 2.05
C LEU C 112 2.81 14.01 3.08
N TRP C 113 2.66 14.60 4.25
CA TRP C 113 2.04 13.92 5.39
C TRP C 113 1.38 14.95 6.31
N ARG C 114 0.13 14.71 6.69
CA ARG C 114 -0.60 15.59 7.62
C ARG C 114 -1.37 14.75 8.63
N THR C 115 -1.48 15.21 9.87
CA THR C 115 -2.28 14.50 10.88
C THR C 115 -3.20 15.52 11.56
N GLN C 116 -4.48 15.19 11.57
CA GLN C 116 -5.51 16.12 12.03
C GLN C 116 -5.37 17.47 11.30
N GLY C 117 -4.91 17.41 10.05
CA GLY C 117 -4.74 18.58 9.21
C GLY C 117 -3.48 19.39 9.46
N LEU C 118 -2.66 18.93 10.39
CA LEU C 118 -1.46 19.67 10.78
C LEU C 118 -0.17 19.09 10.19
N VAL C 119 0.80 19.96 9.95
CA VAL C 119 2.15 19.55 9.56
C VAL C 119 2.91 19.07 10.80
N PRO C 120 3.35 17.80 10.82
CA PRO C 120 4.13 17.36 11.97
C PRO C 120 5.44 18.13 12.11
N PRO C 121 5.90 18.36 13.35
CA PRO C 121 7.11 19.16 13.58
C PRO C 121 8.39 18.42 13.22
N PRO C 122 9.52 19.15 13.13
CA PRO C 122 10.76 18.49 12.72
C PRO C 122 11.21 17.41 13.69
N PRO C 123 11.89 16.38 13.18
CA PRO C 123 12.42 15.34 14.07
C PRO C 123 13.29 15.88 15.20
N GLU C 124 13.04 15.39 16.41
CA GLU C 124 13.81 15.73 17.61
C GLU C 124 13.67 17.18 18.04
N SER C 125 12.73 17.90 17.43
CA SER C 125 12.48 19.29 17.82
C SER C 125 11.75 19.37 19.15
N ASP C 126 11.80 20.55 19.78
CA ASP C 126 11.08 20.76 21.03
C ASP C 126 9.58 20.58 20.81
N MET C 127 9.07 20.98 19.65
CA MET C 127 7.65 20.84 19.36
C MET C 127 7.27 19.36 19.24
N GLU C 128 8.14 18.55 18.65
CA GLU C 128 7.86 17.11 18.58
C GLU C 128 7.80 16.51 19.99
N LYS C 129 8.70 16.97 20.86
CA LYS C 129 8.74 16.45 22.24
C LYS C 129 7.47 16.85 22.98
N LEU C 130 6.92 18.03 22.66
CA LEU C 130 5.67 18.47 23.26
C LEU C 130 4.48 17.64 22.75
N TRP C 131 4.44 17.40 21.44
CA TRP C 131 3.44 16.51 20.87
C TRP C 131 3.49 15.14 21.53
N ALA C 132 4.70 14.67 21.83
CA ALA C 132 4.88 13.35 22.45
C ALA C 132 4.40 13.35 23.90
N LYS C 133 4.70 14.42 24.63
CA LYS C 133 4.33 14.54 26.04
C LYS C 133 2.81 14.55 26.23
N GLU C 134 2.11 15.35 25.42
CA GLU C 134 0.66 15.45 25.51
C GLU C 134 -0.05 14.37 24.68
N ASN C 135 0.73 13.67 23.86
CA ASN C 135 0.21 12.63 22.96
C ASN C 135 -0.98 13.12 22.13
N ARG C 136 -0.81 14.30 21.53
CA ARG C 136 -1.81 14.84 20.61
C ARG C 136 -1.14 15.85 19.68
N PRO C 137 -1.75 16.08 18.50
CA PRO C 137 -1.23 17.09 17.59
C PRO C 137 -1.65 18.51 18.01
N ILE C 138 -0.67 19.33 18.36
CA ILE C 138 -0.92 20.68 18.85
C ILE C 138 -0.60 21.73 17.78
N PRO C 139 -1.58 22.58 17.42
CA PRO C 139 -1.27 23.62 16.43
C PRO C 139 -0.12 24.53 16.84
N TYR C 140 0.69 24.91 15.85
CA TYR C 140 1.87 25.74 16.05
C TYR C 140 2.16 26.45 14.73
N ASP C 141 3.15 27.34 14.72
CA ASP C 141 3.53 28.04 13.48
C ASP C 141 4.92 27.64 12.98
#